data_6WFO
#
_entry.id   6WFO
#
_cell.length_a   47.870
_cell.length_b   102.630
_cell.length_c   67.500
_cell.angle_alpha   90.000
_cell.angle_beta   106.080
_cell.angle_gamma   90.000
#
_symmetry.space_group_name_H-M   'P 1 21 1'
#
loop_
_entity.id
_entity.type
_entity.pdbx_description
1 polymer 'N-alpha-acetyltransferase 50'
2 non-polymer 'ACETYL COENZYME *A'
3 non-polymer (4S)-1-methyl-N-{(3S,5R)-5-[4-(methylcarbamoyl)-1,3-thiazol-2-yl]-1-[4-(1H-tetrazol-5-yl)benzene-1-carbonyl]pyrrolidin-3-yl}-2,6-dioxohexahydropyrimidine-4-carboxamide
4 water water
#
_entity_poly.entity_id   1
_entity_poly.type   'polypeptide(L)'
_entity_poly.pdbx_seq_one_letter_code
;GSMKGSRIELGDVTPHNIKQLKRLNQVIFPVSYNDKFYKDVLEVGELAKLAYFNDIAVGAVCCRVDHSQNQKRLYIMTLG
CLAPYRRLGIGTKMLNHVLNICEKDGTFDNIYLHVQISNESAIDFYRKFGFEIIETKKNYYKRIEPADAHVLQKNLKVPS
GQNADVQKTDN
;
_entity_poly.pdbx_strand_id   A,B,C
#
loop_
_chem_comp.id
_chem_comp.type
_chem_comp.name
_chem_comp.formula
ACO non-polymer 'ACETYL COENZYME *A' 'C23 H38 N7 O17 P3 S'
U3Y non-polymer (4S)-1-methyl-N-{(3S,5R)-5-[4-(methylcarbamoyl)-1,3-thiazol-2-yl]-1-[4-(1H-tetrazol-5-yl)benzene-1-carbonyl]pyrrolidin-3-yl}-2,6-dioxohexahydropyrimidine-4-carboxamide 'C23 H24 N10 O5 S'
#
# COMPACT_ATOMS: atom_id res chain seq x y z
N LYS A 4 -20.31 5.75 -4.35
CA LYS A 4 -20.30 4.28 -4.42
C LYS A 4 -20.28 3.74 -5.86
N GLY A 5 -19.25 2.94 -6.16
CA GLY A 5 -19.02 2.33 -7.48
C GLY A 5 -18.74 3.31 -8.61
N SER A 6 -18.58 4.61 -8.27
CA SER A 6 -18.33 5.73 -9.18
C SER A 6 -17.08 5.57 -10.03
N ARG A 7 -17.21 5.98 -11.29
CA ARG A 7 -16.14 5.96 -12.28
C ARG A 7 -15.44 7.34 -12.32
N ILE A 8 -15.96 8.29 -11.54
CA ILE A 8 -15.46 9.67 -11.45
C ILE A 8 -14.76 9.95 -10.11
N GLU A 9 -13.53 10.47 -10.18
CA GLU A 9 -12.75 10.87 -9.03
C GLU A 9 -12.04 12.16 -9.28
N LEU A 10 -11.91 12.96 -8.24
CA LEU A 10 -11.18 14.20 -8.28
C LEU A 10 -9.84 13.96 -7.64
N GLY A 11 -8.83 14.64 -8.15
CA GLY A 11 -7.47 14.59 -7.60
C GLY A 11 -6.84 15.96 -7.50
N ASP A 12 -5.82 16.11 -6.65
CA ASP A 12 -5.14 17.39 -6.49
C ASP A 12 -4.35 17.77 -7.74
N VAL A 13 -4.18 19.10 -7.95
CA VAL A 13 -3.37 19.66 -9.03
C VAL A 13 -1.98 19.91 -8.37
N THR A 14 -0.90 19.52 -9.08
CA THR A 14 0.45 19.65 -8.52
C THR A 14 1.44 20.02 -9.64
N PRO A 15 2.71 20.36 -9.31
CA PRO A 15 3.70 20.63 -10.39
C PRO A 15 3.89 19.45 -11.33
N HIS A 16 3.57 18.22 -10.88
CA HIS A 16 3.69 17.04 -11.72
C HIS A 16 2.56 16.93 -12.77
N ASN A 17 1.36 17.43 -12.49
CA ASN A 17 0.26 17.27 -13.45
C ASN A 17 -0.34 18.60 -13.97
N ILE A 18 0.22 19.78 -13.56
CA ILE A 18 -0.26 21.10 -14.02
C ILE A 18 -0.36 21.16 -15.56
N LYS A 19 0.59 20.52 -16.30
CA LYS A 19 0.60 20.45 -17.78
C LYS A 19 -0.69 19.82 -18.32
N GLN A 20 -1.30 18.89 -17.55
CA GLN A 20 -2.56 18.24 -17.89
C GLN A 20 -3.71 19.24 -17.72
N LEU A 21 -3.69 20.03 -16.67
CA LEU A 21 -4.71 21.03 -16.43
C LEU A 21 -4.71 22.06 -17.56
N LYS A 22 -3.51 22.60 -17.92
CA LYS A 22 -3.33 23.57 -18.99
C LYS A 22 -3.84 23.05 -20.34
N ARG A 23 -3.52 21.80 -20.68
CA ARG A 23 -3.97 21.14 -21.91
C ARG A 23 -5.51 21.01 -21.90
N LEU A 24 -6.10 20.59 -20.76
CA LEU A 24 -7.56 20.45 -20.66
C LEU A 24 -8.25 21.82 -20.81
N ASN A 25 -7.73 22.86 -20.13
CA ASN A 25 -8.28 24.19 -20.24
C ASN A 25 -8.15 24.73 -21.65
N GLN A 26 -6.99 24.45 -22.37
CA GLN A 26 -6.76 24.91 -23.77
C GLN A 26 -7.85 24.36 -24.70
N VAL A 27 -8.16 23.07 -24.54
CA VAL A 27 -9.17 22.39 -25.37
C VAL A 27 -10.60 22.83 -25.02
N ILE A 28 -10.90 23.02 -23.71
CA ILE A 28 -12.28 23.19 -23.28
C ILE A 28 -12.76 24.63 -23.38
N PHE A 29 -11.92 25.61 -23.03
CA PHE A 29 -12.35 26.99 -22.99
C PHE A 29 -11.97 27.80 -24.25
N PRO A 30 -12.83 28.75 -24.72
CA PRO A 30 -12.49 29.52 -25.93
C PRO A 30 -11.52 30.69 -25.68
N VAL A 31 -11.09 30.88 -24.43
CA VAL A 31 -10.13 31.90 -24.01
C VAL A 31 -8.86 31.21 -23.45
N SER A 32 -7.74 31.94 -23.42
CA SER A 32 -6.44 31.45 -22.94
C SER A 32 -6.13 32.02 -21.57
N TYR A 33 -5.50 31.20 -20.70
CA TYR A 33 -5.09 31.66 -19.38
C TYR A 33 -3.57 31.72 -19.32
N ASN A 34 -3.02 32.71 -18.58
CA ASN A 34 -1.58 32.97 -18.50
C ASN A 34 -0.87 32.19 -17.39
N ASP A 35 0.48 32.20 -17.42
CA ASP A 35 1.36 31.54 -16.46
C ASP A 35 1.01 31.87 -15.02
N LYS A 36 0.61 33.12 -14.75
CA LYS A 36 0.20 33.54 -13.42
C LYS A 36 -1.05 32.80 -12.87
N PHE A 37 -2.06 32.51 -13.74
CA PHE A 37 -3.29 31.79 -13.40
C PHE A 37 -2.92 30.38 -12.86
N TYR A 38 -1.98 29.70 -13.54
CA TYR A 38 -1.53 28.34 -13.24
C TYR A 38 -0.60 28.29 -12.04
N LYS A 39 0.22 29.34 -11.88
CA LYS A 39 1.08 29.45 -10.73
C LYS A 39 0.15 29.64 -9.50
N ASP A 40 -0.91 30.48 -9.64
CA ASP A 40 -1.91 30.72 -8.57
C ASP A 40 -2.70 29.46 -8.22
N VAL A 41 -3.06 28.66 -9.24
CA VAL A 41 -3.77 27.38 -9.09
C VAL A 41 -3.00 26.41 -8.17
N LEU A 42 -1.66 26.40 -8.28
CA LEU A 42 -0.77 25.56 -7.44
C LEU A 42 -0.78 25.98 -5.96
N GLU A 43 -1.27 27.20 -5.67
CA GLU A 43 -1.31 27.71 -4.29
C GLU A 43 -2.71 27.70 -3.65
N VAL A 44 -3.78 27.38 -4.44
CA VAL A 44 -5.14 27.44 -3.88
C VAL A 44 -5.61 26.18 -3.17
N GLY A 45 -4.77 25.14 -3.14
CA GLY A 45 -5.13 23.87 -2.48
C GLY A 45 -6.36 23.24 -3.09
N GLU A 46 -7.37 22.90 -2.24
CA GLU A 46 -8.65 22.25 -2.63
C GLU A 46 -9.51 23.04 -3.62
N LEU A 47 -9.22 24.34 -3.83
CA LEU A 47 -9.99 25.16 -4.76
C LEU A 47 -9.70 24.86 -6.23
N ALA A 48 -8.75 23.93 -6.48
CA ALA A 48 -8.41 23.52 -7.83
C ALA A 48 -8.31 22.01 -7.78
N LYS A 49 -8.95 21.33 -8.77
CA LYS A 49 -8.97 19.87 -8.81
C LYS A 49 -8.99 19.43 -10.23
N LEU A 50 -8.42 18.23 -10.51
CA LEU A 50 -8.56 17.57 -11.81
C LEU A 50 -9.66 16.52 -11.64
N ALA A 51 -10.48 16.27 -12.67
CA ALA A 51 -11.52 15.24 -12.60
C ALA A 51 -11.10 14.13 -13.50
N TYR A 52 -11.19 12.88 -12.98
CA TYR A 52 -10.82 11.68 -13.70
C TYR A 52 -12.02 10.79 -13.94
N PHE A 53 -12.10 10.26 -15.15
CA PHE A 53 -13.13 9.29 -15.51
C PHE A 53 -12.36 8.01 -15.79
N ASN A 54 -12.57 6.93 -14.97
CA ASN A 54 -11.83 5.65 -15.09
C ASN A 54 -10.31 5.93 -15.14
N ASP A 55 -9.85 6.87 -14.26
CA ASP A 55 -8.44 7.30 -14.15
C ASP A 55 -7.95 8.09 -15.38
N ILE A 56 -8.86 8.64 -16.20
CA ILE A 56 -8.45 9.44 -17.36
C ILE A 56 -8.70 10.90 -16.99
N ALA A 57 -7.68 11.75 -17.01
CA ALA A 57 -7.89 13.17 -16.70
C ALA A 57 -8.77 13.79 -17.80
N VAL A 58 -10.05 14.13 -17.47
CA VAL A 58 -11.05 14.63 -18.45
C VAL A 58 -11.65 16.01 -18.13
N GLY A 59 -11.35 16.56 -16.97
CA GLY A 59 -11.88 17.87 -16.63
C GLY A 59 -11.13 18.49 -15.48
N ALA A 60 -11.50 19.71 -15.12
CA ALA A 60 -10.86 20.42 -14.01
C ALA A 60 -11.73 21.52 -13.58
N VAL A 61 -11.51 22.00 -12.36
CA VAL A 61 -12.19 23.14 -11.76
C VAL A 61 -11.10 23.98 -11.09
N CYS A 62 -11.11 25.31 -11.24
CA CYS A 62 -10.14 26.24 -10.63
C CYS A 62 -10.93 27.41 -10.08
N CYS A 63 -10.81 27.67 -8.79
CA CYS A 63 -11.49 28.74 -8.04
C CYS A 63 -10.47 29.62 -7.30
N ARG A 64 -10.92 30.79 -6.84
CA ARG A 64 -10.13 31.71 -6.02
C ARG A 64 -11.08 32.44 -5.10
N VAL A 65 -10.57 32.82 -3.92
CA VAL A 65 -11.33 33.58 -2.93
C VAL A 65 -11.29 35.06 -3.40
N ASP A 66 -12.48 35.64 -3.55
CA ASP A 66 -12.67 37.02 -3.96
C ASP A 66 -13.27 37.85 -2.82
N HIS A 67 -12.59 38.92 -2.46
CA HIS A 67 -13.01 39.87 -1.44
C HIS A 67 -13.39 41.13 -2.19
N SER A 68 -14.71 41.31 -2.40
CA SER A 68 -15.33 42.43 -3.11
C SER A 68 -16.75 42.56 -2.65
N GLN A 69 -17.38 43.75 -2.87
CA GLN A 69 -18.74 44.16 -2.46
C GLN A 69 -18.87 44.05 -0.94
N ASN A 70 -17.75 44.11 -0.22
CA ASN A 70 -17.59 43.96 1.24
C ASN A 70 -18.14 42.63 1.70
N GLN A 71 -17.70 41.59 0.96
CA GLN A 71 -18.05 40.18 1.11
C GLN A 71 -16.85 39.24 0.88
N LYS A 72 -16.98 38.02 1.42
CA LYS A 72 -16.11 36.89 1.16
C LYS A 72 -16.89 36.03 0.16
N ARG A 73 -16.32 35.92 -1.04
CA ARG A 73 -16.95 35.24 -2.16
C ARG A 73 -16.07 34.16 -2.77
N LEU A 74 -16.70 33.06 -3.20
CA LEU A 74 -15.93 32.03 -3.87
C LEU A 74 -16.19 32.24 -5.33
N TYR A 75 -15.13 32.52 -6.09
CA TYR A 75 -15.23 32.75 -7.51
C TYR A 75 -14.74 31.55 -8.31
N ILE A 76 -15.64 30.95 -9.14
CA ILE A 76 -15.32 29.84 -10.02
C ILE A 76 -14.81 30.41 -11.32
N MET A 77 -13.52 30.17 -11.61
CA MET A 77 -12.87 30.70 -12.81
C MET A 77 -13.09 29.85 -14.03
N THR A 78 -12.84 28.56 -13.88
CA THR A 78 -12.98 27.54 -14.92
C THR A 78 -13.53 26.31 -14.25
N LEU A 79 -14.47 25.65 -14.92
CA LEU A 79 -15.09 24.40 -14.54
C LEU A 79 -15.55 23.77 -15.85
N GLY A 80 -15.01 22.61 -16.19
CA GLY A 80 -15.45 22.00 -17.42
C GLY A 80 -14.84 20.65 -17.65
N CYS A 81 -15.34 19.94 -18.67
CA CYS A 81 -14.83 18.65 -19.03
C CYS A 81 -14.94 18.43 -20.52
N LEU A 82 -14.03 17.60 -21.06
CA LEU A 82 -13.97 17.26 -22.48
C LEU A 82 -15.34 16.85 -22.99
N ALA A 83 -15.70 17.32 -24.17
CA ALA A 83 -16.98 17.11 -24.85
C ALA A 83 -17.45 15.66 -24.88
N PRO A 84 -16.67 14.63 -25.25
CA PRO A 84 -17.25 13.27 -25.23
C PRO A 84 -17.60 12.68 -23.84
N TYR A 85 -17.20 13.34 -22.74
CA TYR A 85 -17.43 12.88 -21.37
C TYR A 85 -18.51 13.66 -20.63
N ARG A 86 -19.13 14.63 -21.33
CA ARG A 86 -20.18 15.47 -20.76
C ARG A 86 -21.43 14.65 -20.53
N ARG A 87 -22.29 15.10 -19.59
CA ARG A 87 -23.56 14.46 -19.21
C ARG A 87 -23.34 13.09 -18.60
N LEU A 88 -22.25 12.94 -17.80
CA LEU A 88 -21.93 11.71 -17.09
C LEU A 88 -21.80 11.99 -15.60
N GLY A 89 -21.94 13.24 -15.18
CA GLY A 89 -21.86 13.63 -13.78
C GLY A 89 -20.56 14.29 -13.36
N ILE A 90 -19.62 14.51 -14.32
CA ILE A 90 -18.29 15.06 -14.02
C ILE A 90 -18.40 16.50 -13.55
N GLY A 91 -19.22 17.31 -14.22
CA GLY A 91 -19.50 18.70 -13.85
C GLY A 91 -20.08 18.76 -12.45
N THR A 92 -21.16 17.94 -12.16
CA THR A 92 -21.80 17.79 -10.82
C THR A 92 -20.76 17.46 -9.72
N LYS A 93 -19.84 16.51 -9.98
CA LYS A 93 -18.83 16.10 -8.97
C LYS A 93 -17.89 17.27 -8.64
N MET A 94 -17.45 18.00 -9.65
CA MET A 94 -16.60 19.18 -9.43
C MET A 94 -17.36 20.28 -8.72
N LEU A 95 -18.61 20.59 -9.14
CA LEU A 95 -19.39 21.65 -8.46
C LEU A 95 -19.75 21.24 -7.02
N ASN A 96 -20.11 19.96 -6.79
CA ASN A 96 -20.40 19.49 -5.41
C ASN A 96 -19.21 19.66 -4.49
N HIS A 97 -17.99 19.40 -5.00
CA HIS A 97 -16.75 19.59 -4.25
C HIS A 97 -16.63 21.06 -3.79
N VAL A 98 -16.86 22.02 -4.70
CA VAL A 98 -16.72 23.45 -4.33
C VAL A 98 -17.85 23.86 -3.34
N LEU A 99 -19.10 23.39 -3.52
CA LEU A 99 -20.20 23.66 -2.56
C LEU A 99 -19.89 23.06 -1.17
N ASN A 100 -19.27 21.86 -1.13
CA ASN A 100 -18.92 21.21 0.12
C ASN A 100 -17.82 21.99 0.88
N ILE A 101 -16.80 22.56 0.17
CA ILE A 101 -15.79 23.39 0.84
C ILE A 101 -16.47 24.59 1.51
N CYS A 102 -17.37 25.26 0.78
CA CYS A 102 -18.10 26.42 1.25
C CYS A 102 -18.95 26.15 2.47
N GLU A 103 -19.70 25.01 2.47
CA GLU A 103 -20.54 24.57 3.60
C GLU A 103 -19.70 24.27 4.84
N LYS A 104 -18.59 23.53 4.67
CA LYS A 104 -17.67 23.17 5.76
C LYS A 104 -16.97 24.43 6.35
N ASP A 105 -16.57 25.39 5.50
CA ASP A 105 -15.89 26.63 5.90
C ASP A 105 -16.84 27.59 6.67
N GLY A 106 -18.01 27.85 6.07
CA GLY A 106 -19.07 28.65 6.66
C GLY A 106 -18.93 30.17 6.69
N THR A 107 -17.81 30.72 6.16
CA THR A 107 -17.55 32.17 6.12
C THR A 107 -17.82 32.82 4.73
N PHE A 108 -18.20 32.03 3.71
CA PHE A 108 -18.48 32.60 2.40
C PHE A 108 -19.91 33.13 2.33
N ASP A 109 -20.05 34.36 1.79
CA ASP A 109 -21.35 35.03 1.61
C ASP A 109 -22.06 34.46 0.37
N ASN A 110 -21.28 34.16 -0.68
CA ASN A 110 -21.81 33.67 -1.95
C ASN A 110 -20.71 33.07 -2.83
N ILE A 111 -21.17 32.41 -3.88
CA ILE A 111 -20.35 31.81 -4.91
C ILE A 111 -20.87 32.30 -6.24
N TYR A 112 -19.96 32.78 -7.08
CA TYR A 112 -20.31 33.34 -8.38
C TYR A 112 -19.29 32.96 -9.45
N LEU A 113 -19.65 33.25 -10.71
CA LEU A 113 -18.88 32.97 -11.92
C LEU A 113 -19.46 33.80 -13.08
N HIS A 114 -18.75 33.82 -14.22
CA HIS A 114 -19.20 34.46 -15.45
C HIS A 114 -19.41 33.38 -16.48
N VAL A 115 -20.46 33.51 -17.31
CA VAL A 115 -20.79 32.55 -18.36
C VAL A 115 -21.08 33.37 -19.60
N GLN A 116 -20.35 33.11 -20.71
CA GLN A 116 -20.62 33.69 -22.01
C GLN A 116 -22.09 33.37 -22.34
N ILE A 117 -22.89 34.42 -22.60
CA ILE A 117 -24.36 34.38 -22.86
C ILE A 117 -24.80 33.29 -23.86
N SER A 118 -23.96 32.90 -24.83
CA SER A 118 -24.29 31.83 -25.81
C SER A 118 -24.23 30.41 -25.20
N ASN A 119 -23.64 30.28 -24.00
CA ASN A 119 -23.47 28.97 -23.37
C ASN A 119 -24.73 28.53 -22.58
N GLU A 120 -25.75 28.08 -23.31
CA GLU A 120 -27.06 27.64 -22.81
C GLU A 120 -26.96 26.43 -21.87
N SER A 121 -26.09 25.48 -22.23
CA SER A 121 -25.77 24.28 -21.48
C SER A 121 -25.18 24.63 -20.07
N ALA A 122 -24.21 25.56 -20.00
CA ALA A 122 -23.61 25.98 -18.71
C ALA A 122 -24.64 26.70 -17.85
N ILE A 123 -25.48 27.61 -18.41
CA ILE A 123 -26.55 28.31 -17.64
C ILE A 123 -27.50 27.27 -17.03
N ASP A 124 -27.99 26.32 -17.82
CA ASP A 124 -28.87 25.24 -17.42
C ASP A 124 -28.23 24.42 -16.29
N PHE A 125 -26.95 24.05 -16.46
CA PHE A 125 -26.16 23.32 -15.47
C PHE A 125 -26.14 24.06 -14.13
N TYR A 126 -25.73 25.32 -14.15
CA TYR A 126 -25.60 26.06 -12.90
C TYR A 126 -26.93 26.37 -12.19
N ARG A 127 -27.98 26.64 -12.95
CA ARG A 127 -29.32 26.93 -12.43
C ARG A 127 -29.92 25.72 -11.68
N LYS A 128 -29.45 24.49 -12.01
CA LYS A 128 -29.88 23.26 -11.35
C LYS A 128 -29.35 23.24 -9.91
N PHE A 129 -28.24 23.95 -9.62
CA PHE A 129 -27.61 23.98 -8.29
C PHE A 129 -28.03 25.18 -7.46
N GLY A 130 -28.95 25.98 -7.97
CA GLY A 130 -29.44 27.16 -7.26
C GLY A 130 -28.76 28.47 -7.57
N PHE A 131 -27.96 28.51 -8.63
CA PHE A 131 -27.31 29.73 -9.11
C PHE A 131 -28.37 30.51 -9.90
N GLU A 132 -28.31 31.85 -9.82
CA GLU A 132 -29.25 32.73 -10.53
C GLU A 132 -28.48 33.72 -11.39
N ILE A 133 -29.09 34.14 -12.51
CA ILE A 133 -28.50 35.19 -13.34
C ILE A 133 -28.80 36.49 -12.59
N ILE A 134 -27.75 37.13 -12.06
CA ILE A 134 -27.91 38.40 -11.32
C ILE A 134 -27.56 39.63 -12.18
N GLU A 135 -26.83 39.44 -13.28
CA GLU A 135 -26.38 40.54 -14.12
C GLU A 135 -25.98 40.02 -15.49
N THR A 136 -26.03 40.89 -16.51
CA THR A 136 -25.51 40.63 -17.84
C THR A 136 -24.50 41.76 -18.08
N LYS A 137 -23.22 41.41 -18.15
CA LYS A 137 -22.12 42.35 -18.37
C LYS A 137 -21.85 42.40 -19.85
N LYS A 138 -22.05 43.57 -20.47
CA LYS A 138 -21.75 43.73 -21.89
C LYS A 138 -20.26 43.86 -22.10
N ASN A 139 -19.75 43.29 -23.20
CA ASN A 139 -18.33 43.36 -23.58
C ASN A 139 -17.36 42.93 -22.46
N TYR A 140 -17.68 41.77 -21.84
CA TYR A 140 -16.84 41.16 -20.82
C TYR A 140 -15.63 40.52 -21.53
N TYR A 141 -15.85 39.78 -22.63
CA TYR A 141 -14.76 39.15 -23.39
C TYR A 141 -14.22 40.07 -24.49
N LYS A 142 -12.90 40.23 -24.51
CA LYS A 142 -12.21 41.13 -25.42
C LYS A 142 -12.16 40.71 -26.89
N ARG A 143 -11.79 39.46 -27.19
CA ARG A 143 -11.60 39.01 -28.57
C ARG A 143 -12.51 37.86 -29.05
N ILE A 144 -13.55 37.49 -28.28
CA ILE A 144 -14.44 36.39 -28.70
C ILE A 144 -15.91 36.83 -28.79
N GLU A 145 -16.68 36.15 -29.65
CA GLU A 145 -18.09 36.45 -29.89
C GLU A 145 -19.07 35.33 -29.47
N PRO A 146 -20.18 35.64 -28.76
CA PRO A 146 -20.57 36.95 -28.20
C PRO A 146 -19.66 37.38 -27.04
N ALA A 147 -19.41 38.68 -26.95
CA ALA A 147 -18.56 39.30 -25.93
C ALA A 147 -19.24 39.38 -24.55
N ASP A 148 -20.57 39.31 -24.53
CA ASP A 148 -21.34 39.46 -23.28
C ASP A 148 -21.31 38.21 -22.44
N ALA A 149 -21.33 38.41 -21.10
CA ALA A 149 -21.31 37.36 -20.09
C ALA A 149 -22.39 37.61 -19.04
N HIS A 150 -23.04 36.54 -18.59
CA HIS A 150 -23.98 36.62 -17.49
C HIS A 150 -23.16 36.42 -16.23
N VAL A 151 -23.57 37.02 -15.10
CA VAL A 151 -22.96 36.78 -13.81
C VAL A 151 -23.94 35.86 -13.10
N LEU A 152 -23.49 34.63 -12.73
CA LEU A 152 -24.32 33.66 -12.04
C LEU A 152 -23.88 33.57 -10.62
N GLN A 153 -24.84 33.61 -9.68
CA GLN A 153 -24.53 33.60 -8.28
C GLN A 153 -25.47 32.77 -7.47
N LYS A 154 -24.89 32.09 -6.47
CA LYS A 154 -25.60 31.32 -5.46
C LYS A 154 -25.27 31.97 -4.08
N ASN A 155 -26.32 32.30 -3.29
CA ASN A 155 -26.20 32.90 -1.96
C ASN A 155 -26.12 31.83 -0.89
N LEU A 156 -25.17 31.97 0.06
CA LEU A 156 -24.96 31.00 1.13
C LEU A 156 -25.21 31.59 2.52
N GLY B 5 -20.87 -14.26 -10.42
CA GLY B 5 -21.64 -13.03 -10.16
C GLY B 5 -21.16 -12.27 -8.93
N SER B 6 -20.10 -11.47 -9.11
CA SER B 6 -19.48 -10.68 -8.04
C SER B 6 -19.31 -9.22 -8.47
N ARG B 7 -19.56 -8.32 -7.53
CA ARG B 7 -19.51 -6.88 -7.76
C ARG B 7 -18.75 -6.24 -6.60
N ILE B 8 -17.47 -5.91 -6.86
CA ILE B 8 -16.57 -5.29 -5.89
C ILE B 8 -16.39 -3.84 -6.28
N GLU B 9 -16.79 -2.93 -5.37
CA GLU B 9 -16.77 -1.48 -5.60
C GLU B 9 -16.25 -0.80 -4.37
N LEU B 10 -15.75 0.41 -4.54
CA LEU B 10 -15.29 1.25 -3.47
C LEU B 10 -16.32 2.38 -3.40
N GLY B 11 -16.44 2.97 -2.23
CA GLY B 11 -17.34 4.09 -2.02
C GLY B 11 -16.75 5.05 -1.01
N ASP B 12 -17.31 6.27 -0.99
CA ASP B 12 -16.88 7.33 -0.11
C ASP B 12 -17.30 7.08 1.32
N VAL B 13 -16.53 7.66 2.23
CA VAL B 13 -16.79 7.65 3.66
C VAL B 13 -17.49 9.03 3.94
N THR B 14 -18.72 8.98 4.46
CA THR B 14 -19.56 10.16 4.69
C THR B 14 -20.01 10.16 6.15
N PRO B 15 -20.57 11.26 6.73
CA PRO B 15 -21.06 11.17 8.13
C PRO B 15 -22.23 10.16 8.27
N HIS B 16 -22.88 9.83 7.15
CA HIS B 16 -23.97 8.84 7.10
C HIS B 16 -23.48 7.41 7.28
N ASN B 17 -22.26 7.06 6.82
CA ASN B 17 -21.74 5.68 6.90
C ASN B 17 -20.49 5.47 7.76
N ILE B 18 -19.96 6.53 8.39
CA ILE B 18 -18.77 6.44 9.26
C ILE B 18 -18.93 5.39 10.41
N LYS B 19 -20.17 5.14 10.89
CA LYS B 19 -20.47 4.16 11.95
C LYS B 19 -20.25 2.72 11.47
N GLN B 20 -20.45 2.48 10.16
CA GLN B 20 -20.21 1.22 9.48
C GLN B 20 -18.67 1.01 9.36
N LEU B 21 -17.89 2.08 9.08
CA LEU B 21 -16.44 2.02 9.00
C LEU B 21 -15.86 1.65 10.37
N LYS B 22 -16.33 2.29 11.46
CA LYS B 22 -15.91 1.99 12.83
C LYS B 22 -16.24 0.52 13.16
N ARG B 23 -17.45 0.05 12.79
CA ARG B 23 -17.83 -1.36 12.99
C ARG B 23 -16.87 -2.31 12.25
N LEU B 24 -16.51 -2.01 10.98
CA LEU B 24 -15.57 -2.86 10.23
C LEU B 24 -14.18 -2.84 10.89
N ASN B 25 -13.70 -1.66 11.24
CA ASN B 25 -12.42 -1.52 11.91
C ASN B 25 -12.35 -2.31 13.23
N GLN B 26 -13.39 -2.23 14.10
CA GLN B 26 -13.46 -2.94 15.39
C GLN B 26 -13.33 -4.45 15.24
N VAL B 27 -14.00 -5.05 14.22
CA VAL B 27 -13.98 -6.49 13.90
C VAL B 27 -12.63 -6.93 13.29
N ILE B 28 -12.15 -6.21 12.24
CA ILE B 28 -10.94 -6.56 11.50
C ILE B 28 -9.64 -6.38 12.31
N PHE B 29 -9.43 -5.23 12.93
CA PHE B 29 -8.18 -4.90 13.61
C PHE B 29 -8.15 -5.21 15.11
N PRO B 30 -6.95 -5.57 15.65
CA PRO B 30 -6.87 -5.93 17.09
C PRO B 30 -6.73 -4.71 18.01
N VAL B 31 -6.66 -3.51 17.43
CA VAL B 31 -6.55 -2.26 18.19
C VAL B 31 -7.75 -1.35 17.92
N SER B 32 -8.07 -0.46 18.89
CA SER B 32 -9.18 0.50 18.76
C SER B 32 -8.63 1.85 18.33
N TYR B 33 -9.42 2.59 17.52
CA TYR B 33 -9.07 3.93 17.05
C TYR B 33 -10.01 4.93 17.70
N ASN B 34 -9.45 6.03 18.20
CA ASN B 34 -10.23 7.05 18.92
C ASN B 34 -11.12 7.88 18.00
N ASP B 35 -11.93 8.77 18.60
CA ASP B 35 -12.84 9.65 17.88
C ASP B 35 -12.12 10.61 16.92
N LYS B 36 -10.87 11.02 17.24
CA LYS B 36 -10.10 11.91 16.38
C LYS B 36 -9.77 11.23 15.04
N PHE B 37 -9.42 9.92 15.04
CA PHE B 37 -9.13 9.15 13.83
C PHE B 37 -10.30 9.24 12.84
N TYR B 38 -11.51 8.98 13.32
CA TYR B 38 -12.75 8.98 12.56
C TYR B 38 -13.19 10.37 12.14
N LYS B 39 -12.62 11.43 12.75
CA LYS B 39 -12.91 12.81 12.38
C LYS B 39 -12.00 13.21 11.22
N ASP B 40 -10.72 12.81 11.30
CA ASP B 40 -9.72 13.08 10.25
C ASP B 40 -10.06 12.27 9.00
N VAL B 41 -10.58 11.04 9.20
CA VAL B 41 -11.01 10.19 8.09
C VAL B 41 -12.04 10.91 7.20
N LEU B 42 -12.96 11.66 7.83
CA LEU B 42 -14.00 12.42 7.12
C LEU B 42 -13.48 13.65 6.36
N GLU B 43 -12.22 14.05 6.59
CA GLU B 43 -11.58 15.21 5.94
C GLU B 43 -10.37 14.82 5.08
N VAL B 44 -10.19 13.51 4.71
CA VAL B 44 -9.04 13.10 3.89
C VAL B 44 -9.40 12.83 2.43
N GLY B 45 -10.68 12.99 2.09
CA GLY B 45 -11.19 12.77 0.73
C GLY B 45 -11.08 11.33 0.27
N GLU B 46 -10.50 11.13 -0.93
CA GLU B 46 -10.25 9.85 -1.59
C GLU B 46 -9.23 8.93 -0.89
N LEU B 47 -8.56 9.44 0.17
CA LEU B 47 -7.62 8.68 0.99
C LEU B 47 -8.34 7.75 2.00
N ALA B 48 -9.68 7.84 2.09
CA ALA B 48 -10.47 6.94 2.94
C ALA B 48 -11.62 6.38 2.10
N LYS B 49 -11.67 5.06 1.97
CA LYS B 49 -12.70 4.42 1.16
C LYS B 49 -13.31 3.21 1.86
N LEU B 50 -14.59 2.98 1.60
CA LEU B 50 -15.24 1.75 2.06
C LEU B 50 -15.24 0.85 0.85
N ALA B 51 -15.05 -0.46 1.06
CA ALA B 51 -15.08 -1.49 0.04
C ALA B 51 -16.37 -2.30 0.19
N TYR B 52 -16.99 -2.63 -0.94
CA TYR B 52 -18.27 -3.36 -1.03
C TYR B 52 -18.20 -4.62 -1.85
N PHE B 53 -18.93 -5.66 -1.40
CA PHE B 53 -19.09 -6.92 -2.14
C PHE B 53 -20.62 -7.06 -2.29
N ASN B 54 -21.15 -7.06 -3.53
CA ASN B 54 -22.60 -7.08 -3.84
C ASN B 54 -23.42 -6.17 -2.90
N ASP B 55 -22.98 -4.89 -2.78
CA ASP B 55 -23.56 -3.81 -1.99
C ASP B 55 -23.41 -3.95 -0.46
N ILE B 56 -22.70 -4.99 0.02
CA ILE B 56 -22.44 -5.17 1.44
C ILE B 56 -21.06 -4.55 1.73
N ALA B 57 -20.96 -3.70 2.76
CA ALA B 57 -19.69 -3.09 3.19
C ALA B 57 -18.91 -4.17 3.96
N VAL B 58 -17.80 -4.62 3.39
CA VAL B 58 -16.97 -5.72 3.89
C VAL B 58 -15.52 -5.32 4.16
N GLY B 59 -15.14 -4.09 3.81
CA GLY B 59 -13.79 -3.59 3.98
C GLY B 59 -13.65 -2.09 3.92
N ALA B 60 -12.47 -1.58 4.35
CA ALA B 60 -12.16 -0.14 4.36
C ALA B 60 -10.64 0.09 4.33
N VAL B 61 -10.24 1.25 3.78
CA VAL B 61 -8.85 1.74 3.74
C VAL B 61 -8.87 3.19 4.30
N CYS B 62 -7.97 3.55 5.21
CA CYS B 62 -7.87 4.91 5.78
C CYS B 62 -6.41 5.31 5.76
N CYS B 63 -6.08 6.33 4.94
CA CYS B 63 -4.72 6.88 4.78
C CYS B 63 -4.68 8.34 5.24
N ARG B 64 -3.46 8.86 5.47
CA ARG B 64 -3.19 10.28 5.75
C ARG B 64 -1.87 10.65 5.02
N VAL B 65 -1.69 11.93 4.72
CA VAL B 65 -0.45 12.40 4.11
C VAL B 65 0.46 12.72 5.30
N ASP B 66 1.66 12.13 5.29
CA ASP B 66 2.62 12.30 6.37
C ASP B 66 3.86 13.04 5.88
N HIS B 67 4.31 14.04 6.66
CA HIS B 67 5.53 14.82 6.36
C HIS B 67 6.54 14.54 7.44
N SER B 68 7.46 13.61 7.15
CA SER B 68 8.52 13.16 8.06
C SER B 68 9.76 12.85 7.24
N GLN B 69 10.96 12.96 7.87
CA GLN B 69 12.29 12.70 7.26
C GLN B 69 12.55 13.61 6.09
N ASN B 70 11.96 14.83 6.09
CA ASN B 70 12.02 15.82 5.02
C ASN B 70 11.48 15.24 3.71
N GLN B 71 10.43 14.42 3.84
CA GLN B 71 9.76 13.75 2.71
C GLN B 71 8.26 13.94 2.77
N LYS B 72 7.61 13.72 1.63
CA LYS B 72 6.15 13.74 1.52
C LYS B 72 5.80 12.26 1.29
N ARG B 73 5.13 11.67 2.27
CA ARG B 73 4.84 10.24 2.30
C ARG B 73 3.39 9.93 2.49
N LEU B 74 2.89 8.90 1.77
CA LEU B 74 1.53 8.47 2.00
C LEU B 74 1.58 7.37 3.07
N TYR B 75 0.91 7.58 4.21
CA TYR B 75 0.86 6.58 5.25
C TYR B 75 -0.48 5.85 5.26
N ILE B 76 -0.46 4.51 5.13
CA ILE B 76 -1.69 3.71 5.23
C ILE B 76 -1.87 3.37 6.69
N MET B 77 -2.93 3.88 7.29
CA MET B 77 -3.24 3.67 8.71
C MET B 77 -3.92 2.33 8.93
N THR B 78 -4.97 2.03 8.14
CA THR B 78 -5.73 0.78 8.18
C THR B 78 -6.10 0.43 6.76
N LEU B 79 -6.10 -0.88 6.45
CA LEU B 79 -6.50 -1.45 5.16
C LEU B 79 -6.95 -2.85 5.51
N GLY B 80 -8.23 -3.13 5.40
CA GLY B 80 -8.66 -4.44 5.85
C GLY B 80 -9.94 -4.87 5.21
N CYS B 81 -10.16 -6.16 5.25
CA CYS B 81 -11.28 -6.85 4.65
C CYS B 81 -11.79 -7.88 5.71
N LEU B 82 -13.13 -8.02 5.89
CA LEU B 82 -13.66 -9.02 6.82
C LEU B 82 -13.17 -10.39 6.31
N ALA B 83 -12.73 -11.30 7.23
CA ALA B 83 -12.21 -12.65 6.95
C ALA B 83 -13.06 -13.46 5.91
N PRO B 84 -14.42 -13.56 6.01
CA PRO B 84 -15.16 -14.28 4.97
C PRO B 84 -15.02 -13.74 3.54
N TYR B 85 -14.54 -12.48 3.37
CA TYR B 85 -14.45 -11.87 2.05
C TYR B 85 -13.01 -11.70 1.53
N ARG B 86 -12.03 -12.34 2.19
CA ARG B 86 -10.61 -12.26 1.81
C ARG B 86 -10.30 -13.13 0.60
N ARG B 87 -9.15 -12.87 -0.08
CA ARG B 87 -8.73 -13.57 -1.31
C ARG B 87 -9.76 -13.44 -2.46
N LEU B 88 -10.43 -12.28 -2.56
CA LEU B 88 -11.37 -12.00 -3.63
C LEU B 88 -10.95 -10.73 -4.38
N GLY B 89 -9.75 -10.25 -4.08
CA GLY B 89 -9.17 -9.06 -4.67
C GLY B 89 -9.61 -7.74 -4.07
N ILE B 90 -10.30 -7.78 -2.91
CA ILE B 90 -10.83 -6.57 -2.24
C ILE B 90 -9.68 -5.69 -1.69
N GLY B 91 -8.70 -6.33 -1.05
CA GLY B 91 -7.50 -5.65 -0.58
C GLY B 91 -6.73 -5.03 -1.75
N THR B 92 -6.69 -5.72 -2.92
CA THR B 92 -5.99 -5.28 -4.15
C THR B 92 -6.65 -4.01 -4.69
N LYS B 93 -8.00 -4.02 -4.76
CA LYS B 93 -8.79 -2.87 -5.20
C LYS B 93 -8.56 -1.64 -4.32
N MET B 94 -8.41 -1.84 -3.02
CA MET B 94 -8.15 -0.75 -2.10
C MET B 94 -6.75 -0.19 -2.26
N LEU B 95 -5.75 -1.06 -2.34
CA LEU B 95 -4.35 -0.64 -2.51
C LEU B 95 -4.07 0.05 -3.84
N ASN B 96 -4.64 -0.46 -4.94
CA ASN B 96 -4.46 0.12 -6.27
C ASN B 96 -5.09 1.51 -6.33
N HIS B 97 -6.23 1.71 -5.63
CA HIS B 97 -6.89 3.00 -5.51
C HIS B 97 -5.92 4.04 -4.88
N VAL B 98 -5.16 3.64 -3.85
CA VAL B 98 -4.25 4.56 -3.18
C VAL B 98 -2.98 4.75 -4.03
N LEU B 99 -2.49 3.69 -4.69
CA LEU B 99 -1.30 3.81 -5.56
C LEU B 99 -1.59 4.68 -6.78
N ASN B 100 -2.86 4.65 -7.29
CA ASN B 100 -3.25 5.46 -8.45
C ASN B 100 -3.28 6.91 -8.07
N ILE B 101 -3.78 7.22 -6.87
CA ILE B 101 -3.79 8.58 -6.33
C ILE B 101 -2.37 9.13 -6.32
N CYS B 102 -1.42 8.36 -5.77
CA CYS B 102 -0.01 8.75 -5.67
C CYS B 102 0.63 9.01 -7.04
N GLU B 103 0.35 8.15 -8.01
CA GLU B 103 0.89 8.20 -9.37
C GLU B 103 0.42 9.47 -10.12
N LYS B 104 -0.89 9.76 -10.07
CA LYS B 104 -1.48 10.94 -10.70
C LYS B 104 -1.05 12.22 -10.00
N ASP B 105 -0.87 12.17 -8.66
CA ASP B 105 -0.39 13.33 -7.91
C ASP B 105 1.11 13.55 -8.27
N GLY B 106 1.96 12.55 -8.01
CA GLY B 106 3.37 12.56 -8.41
C GLY B 106 4.36 13.29 -7.52
N THR B 107 3.93 13.74 -6.36
CA THR B 107 4.82 14.45 -5.42
C THR B 107 5.14 13.64 -4.15
N PHE B 108 4.73 12.38 -4.10
CA PHE B 108 5.04 11.49 -2.98
C PHE B 108 6.41 10.81 -3.16
N ASP B 109 7.22 10.81 -2.10
CA ASP B 109 8.53 10.14 -2.07
C ASP B 109 8.32 8.66 -1.94
N ASN B 110 7.41 8.26 -1.06
CA ASN B 110 7.12 6.85 -0.84
C ASN B 110 5.73 6.66 -0.19
N ILE B 111 5.36 5.39 0.01
CA ILE B 111 4.13 4.98 0.68
C ILE B 111 4.53 3.97 1.75
N TYR B 112 4.02 4.14 2.97
CA TYR B 112 4.43 3.20 4.01
C TYR B 112 3.31 2.93 5.04
N LEU B 113 3.50 1.88 5.84
CA LEU B 113 2.56 1.39 6.85
C LEU B 113 3.27 0.52 7.87
N HIS B 114 2.54 0.14 8.93
CA HIS B 114 3.04 -0.72 9.99
C HIS B 114 2.25 -1.96 9.97
N VAL B 115 2.94 -3.07 10.26
CA VAL B 115 2.31 -4.38 10.30
C VAL B 115 2.88 -5.11 11.52
N GLN B 116 1.99 -5.59 12.39
CA GLN B 116 2.28 -6.45 13.53
C GLN B 116 3.05 -7.68 12.96
N ILE B 117 4.26 -7.97 13.51
CA ILE B 117 5.20 -9.01 13.00
C ILE B 117 4.56 -10.39 12.85
N SER B 118 3.46 -10.67 13.58
CA SER B 118 2.77 -11.96 13.51
C SER B 118 1.80 -12.08 12.30
N ASN B 119 1.54 -10.96 11.60
CA ASN B 119 0.59 -10.94 10.50
C ASN B 119 1.24 -11.36 9.18
N GLU B 120 1.37 -12.69 8.99
CA GLU B 120 1.98 -13.33 7.81
C GLU B 120 1.29 -12.91 6.52
N SER B 121 -0.05 -12.99 6.49
CA SER B 121 -0.88 -12.69 5.34
C SER B 121 -0.75 -11.23 4.83
N ALA B 122 -0.64 -10.25 5.76
CA ALA B 122 -0.43 -8.82 5.44
C ALA B 122 1.00 -8.65 4.86
N ILE B 123 1.98 -9.38 5.42
CA ILE B 123 3.37 -9.34 4.90
C ILE B 123 3.37 -9.88 3.47
N ASP B 124 2.71 -11.03 3.25
CA ASP B 124 2.59 -11.67 1.94
C ASP B 124 1.96 -10.74 0.92
N PHE B 125 0.83 -10.13 1.29
CA PHE B 125 0.05 -9.17 0.52
C PHE B 125 0.89 -7.97 0.05
N TYR B 126 1.54 -7.27 0.97
CA TYR B 126 2.34 -6.08 0.65
C TYR B 126 3.59 -6.39 -0.16
N ARG B 127 4.24 -7.55 0.12
CA ARG B 127 5.42 -7.97 -0.64
C ARG B 127 5.05 -8.26 -2.11
N LYS B 128 3.82 -8.78 -2.39
CA LYS B 128 3.33 -9.04 -3.75
C LYS B 128 3.24 -7.70 -4.53
N PHE B 129 2.99 -6.59 -3.82
CA PHE B 129 2.92 -5.28 -4.46
C PHE B 129 4.26 -4.51 -4.51
N GLY B 130 5.37 -5.17 -4.16
CA GLY B 130 6.68 -4.52 -4.17
C GLY B 130 7.02 -3.72 -2.93
N PHE B 131 6.26 -3.90 -1.82
CA PHE B 131 6.62 -3.24 -0.56
C PHE B 131 7.75 -4.04 0.07
N GLU B 132 8.60 -3.37 0.84
CA GLU B 132 9.73 -4.04 1.47
C GLU B 132 9.77 -3.70 2.94
N ILE B 133 10.12 -4.68 3.79
CA ILE B 133 10.28 -4.42 5.20
C ILE B 133 11.62 -3.71 5.26
N ILE B 134 11.60 -2.50 5.77
CA ILE B 134 12.82 -1.66 5.82
C ILE B 134 13.29 -1.46 7.25
N GLU B 135 12.45 -1.82 8.23
CA GLU B 135 12.73 -1.67 9.65
C GLU B 135 11.68 -2.44 10.44
N THR B 136 11.97 -2.80 11.71
CA THR B 136 11.05 -3.41 12.67
C THR B 136 11.12 -2.56 13.92
N LYS B 137 9.96 -2.02 14.35
CA LYS B 137 9.80 -1.18 15.53
C LYS B 137 9.43 -2.03 16.71
N LYS B 138 10.32 -2.08 17.71
CA LYS B 138 10.06 -2.88 18.89
C LYS B 138 9.18 -2.11 19.80
N ASN B 139 8.20 -2.79 20.38
CA ASN B 139 7.21 -2.26 21.32
C ASN B 139 6.35 -1.13 20.74
N TYR B 140 6.03 -1.23 19.45
CA TYR B 140 5.15 -0.30 18.75
C TYR B 140 3.70 -0.40 19.31
N TYR B 141 3.23 -1.62 19.62
CA TYR B 141 1.90 -1.82 20.21
C TYR B 141 2.02 -1.93 21.74
N LYS B 142 1.08 -1.33 22.49
CA LYS B 142 1.20 -1.34 23.95
C LYS B 142 0.50 -2.54 24.62
N ARG B 143 -0.85 -2.59 24.56
CA ARG B 143 -1.69 -3.60 25.23
C ARG B 143 -1.91 -4.91 24.43
N ILE B 144 -1.16 -5.15 23.34
CA ILE B 144 -1.34 -6.39 22.55
C ILE B 144 0.01 -7.10 22.23
N GLU B 145 -0.07 -8.43 22.01
CA GLU B 145 1.06 -9.29 21.72
C GLU B 145 0.93 -10.05 20.39
N PRO B 146 1.99 -10.06 19.54
CA PRO B 146 3.28 -9.37 19.71
C PRO B 146 3.18 -7.85 19.56
N ALA B 147 4.01 -7.13 20.32
CA ALA B 147 4.06 -5.67 20.34
C ALA B 147 4.90 -5.06 19.19
N ASP B 148 5.73 -5.86 18.51
CA ASP B 148 6.60 -5.34 17.45
C ASP B 148 5.85 -5.18 16.12
N ALA B 149 6.21 -4.13 15.37
CA ALA B 149 5.63 -3.86 14.07
C ALA B 149 6.71 -3.64 13.02
N HIS B 150 6.60 -4.33 11.85
CA HIS B 150 7.52 -4.10 10.73
C HIS B 150 7.08 -2.79 10.04
N VAL B 151 8.02 -2.12 9.36
CA VAL B 151 7.75 -0.92 8.57
C VAL B 151 7.88 -1.35 7.11
N LEU B 152 6.75 -1.39 6.40
CA LEU B 152 6.72 -1.76 4.98
C LEU B 152 6.66 -0.52 4.14
N GLN B 153 7.55 -0.43 3.14
CA GLN B 153 7.62 0.75 2.29
C GLN B 153 7.77 0.41 0.82
N LYS B 154 7.22 1.28 -0.06
CA LYS B 154 7.36 1.18 -1.52
C LYS B 154 7.80 2.56 -2.01
N ASN B 155 8.99 2.65 -2.61
CA ASN B 155 9.51 3.90 -3.16
C ASN B 155 8.71 4.36 -4.39
N LEU B 156 8.39 5.68 -4.47
CA LEU B 156 7.57 6.30 -5.53
C LEU B 156 8.30 7.39 -6.35
N SER C 6 16.87 -3.04 6.20
CA SER C 6 16.67 -4.21 7.05
C SER C 6 17.97 -5.02 7.21
N ARG C 7 18.12 -5.73 8.33
CA ARG C 7 19.36 -6.46 8.54
C ARG C 7 19.17 -7.94 8.88
N ILE C 8 19.98 -8.75 8.22
CA ILE C 8 20.02 -10.20 8.38
C ILE C 8 21.33 -10.53 9.04
N GLU C 9 21.24 -11.20 10.19
CA GLU C 9 22.41 -11.64 10.92
C GLU C 9 22.20 -12.97 11.58
N LEU C 10 23.31 -13.67 11.80
CA LEU C 10 23.33 -14.95 12.46
C LEU C 10 23.82 -14.74 13.88
N GLY C 11 23.28 -15.53 14.78
CA GLY C 11 23.64 -15.50 16.20
C GLY C 11 23.84 -16.91 16.71
N ASP C 12 24.61 -17.02 17.79
CA ASP C 12 24.94 -18.28 18.44
C ASP C 12 23.74 -18.87 19.13
N VAL C 13 23.66 -20.21 19.10
CA VAL C 13 22.62 -20.94 19.80
C VAL C 13 23.15 -21.18 21.23
N THR C 14 22.37 -20.76 22.23
CA THR C 14 22.70 -20.85 23.65
C THR C 14 21.51 -21.43 24.44
N PRO C 15 21.62 -21.78 25.76
CA PRO C 15 20.46 -22.33 26.47
C PRO C 15 19.35 -21.29 26.68
N HIS C 16 19.72 -20.01 26.52
CA HIS C 16 18.82 -18.87 26.66
C HIS C 16 17.83 -18.74 25.46
N ASN C 17 18.25 -19.15 24.25
CA ASN C 17 17.43 -19.06 23.01
C ASN C 17 17.09 -20.43 22.35
N ILE C 18 17.51 -21.55 22.97
CA ILE C 18 17.25 -22.92 22.48
C ILE C 18 15.74 -23.20 22.34
N LYS C 19 14.89 -22.68 23.26
CA LYS C 19 13.44 -22.85 23.21
C LYS C 19 12.88 -22.17 21.94
N GLN C 20 13.47 -21.03 21.56
CA GLN C 20 13.11 -20.27 20.37
C GLN C 20 13.49 -21.07 19.10
N LEU C 21 14.71 -21.66 19.08
CA LEU C 21 15.20 -22.48 17.99
C LEU C 21 14.29 -23.72 17.76
N LYS C 22 13.88 -24.38 18.86
CA LYS C 22 12.99 -25.53 18.89
C LYS C 22 11.62 -25.10 18.36
N ARG C 23 11.12 -23.91 18.74
CA ARG C 23 9.85 -23.37 18.25
C ARG C 23 9.91 -23.17 16.69
N LEU C 24 10.99 -22.56 16.21
CA LEU C 24 11.24 -22.30 14.80
C LEU C 24 11.24 -23.63 14.01
N ASN C 25 12.02 -24.65 14.47
CA ASN C 25 12.06 -25.95 13.82
C ASN C 25 10.70 -26.64 13.75
N GLN C 26 9.88 -26.46 14.79
CA GLN C 26 8.52 -27.01 14.92
C GLN C 26 7.58 -26.44 13.88
N VAL C 27 7.69 -25.13 13.62
CA VAL C 27 6.84 -24.45 12.63
C VAL C 27 7.30 -24.76 11.18
N ILE C 28 8.62 -24.69 10.95
CA ILE C 28 9.25 -24.76 9.62
C ILE C 28 9.28 -26.19 9.00
N PHE C 29 9.51 -27.23 9.82
CA PHE C 29 9.70 -28.62 9.38
C PHE C 29 8.51 -29.57 9.65
N PRO C 30 8.22 -30.52 8.70
CA PRO C 30 7.08 -31.44 8.91
C PRO C 30 7.39 -32.67 9.78
N VAL C 31 8.56 -32.68 10.44
CA VAL C 31 9.05 -33.74 11.33
C VAL C 31 9.55 -33.08 12.64
N SER C 32 9.48 -33.84 13.75
CA SER C 32 9.96 -33.39 15.06
C SER C 32 11.36 -33.93 15.33
N TYR C 33 12.15 -33.20 16.15
CA TYR C 33 13.51 -33.55 16.55
C TYR C 33 13.55 -33.74 18.07
N ASN C 34 14.17 -34.85 18.51
CA ASN C 34 14.28 -35.25 19.92
C ASN C 34 15.15 -34.27 20.72
N ASP C 35 15.06 -34.37 22.06
CA ASP C 35 15.78 -33.55 23.02
C ASP C 35 17.32 -33.74 22.91
N LYS C 36 17.76 -34.88 22.34
CA LYS C 36 19.17 -35.19 22.08
C LYS C 36 19.68 -34.29 20.95
N PHE C 37 18.86 -34.11 19.88
CA PHE C 37 19.19 -33.24 18.72
C PHE C 37 19.58 -31.85 19.24
N TYR C 38 18.74 -31.28 20.11
CA TYR C 38 18.92 -29.96 20.72
C TYR C 38 20.10 -29.90 21.71
N LYS C 39 20.31 -31.01 22.48
CA LYS C 39 21.42 -31.17 23.41
C LYS C 39 22.74 -31.15 22.60
N ASP C 40 22.77 -31.83 21.44
CA ASP C 40 23.95 -31.87 20.56
C ASP C 40 24.17 -30.54 19.82
N VAL C 41 23.08 -29.80 19.52
CA VAL C 41 23.10 -28.48 18.88
C VAL C 41 23.87 -27.46 19.78
N LEU C 42 23.69 -27.55 21.12
CA LEU C 42 24.36 -26.66 22.08
C LEU C 42 25.88 -26.87 22.18
N GLU C 43 26.38 -28.01 21.67
CA GLU C 43 27.79 -28.40 21.72
C GLU C 43 28.55 -28.28 20.39
N VAL C 44 27.84 -28.11 19.24
CA VAL C 44 28.46 -28.04 17.91
C VAL C 44 29.17 -26.72 17.60
N GLY C 45 28.95 -25.70 18.42
CA GLY C 45 29.52 -24.36 18.23
C GLY C 45 28.96 -23.71 16.98
N GLU C 46 29.86 -23.31 16.05
CA GLU C 46 29.58 -22.64 14.78
C GLU C 46 28.76 -23.48 13.74
N LEU C 47 28.52 -24.77 14.04
CA LEU C 47 27.73 -25.64 13.16
C LEU C 47 26.20 -25.50 13.40
N ALA C 48 25.80 -24.62 14.36
CA ALA C 48 24.41 -24.27 14.61
C ALA C 48 24.33 -22.76 14.85
N LYS C 49 23.40 -22.10 14.14
CA LYS C 49 23.20 -20.65 14.21
C LYS C 49 21.75 -20.31 14.06
N LEU C 50 21.32 -19.25 14.77
CA LEU C 50 19.98 -18.71 14.64
C LEU C 50 20.11 -17.56 13.67
N ALA C 51 19.12 -17.40 12.77
CA ALA C 51 19.07 -16.32 11.80
C ALA C 51 18.04 -15.31 12.29
N TYR C 52 18.47 -14.05 12.30
CA TYR C 52 17.76 -12.86 12.76
C TYR C 52 17.45 -11.88 11.62
N PHE C 53 16.21 -11.37 11.63
CA PHE C 53 15.75 -10.36 10.67
C PHE C 53 15.34 -9.18 11.54
N ASN C 54 16.12 -8.07 11.46
CA ASN C 54 15.91 -6.89 12.32
C ASN C 54 15.79 -7.32 13.80
N ASP C 55 16.75 -8.14 14.28
CA ASP C 55 16.78 -8.67 15.66
C ASP C 55 15.66 -9.67 15.99
N ILE C 56 14.83 -10.12 15.00
CA ILE C 56 13.82 -11.16 15.22
C ILE C 56 14.36 -12.51 14.71
N ALA C 57 14.36 -13.55 15.56
CA ALA C 57 14.77 -14.90 15.16
C ALA C 57 13.70 -15.49 14.21
N VAL C 58 14.09 -15.71 12.94
CA VAL C 58 13.13 -16.18 11.93
C VAL C 58 13.54 -17.48 11.20
N GLY C 59 14.72 -17.97 11.54
CA GLY C 59 15.29 -19.16 10.92
C GLY C 59 16.49 -19.69 11.66
N ALA C 60 16.89 -20.92 11.33
CA ALA C 60 18.00 -21.59 11.99
C ALA C 60 18.60 -22.64 11.09
N VAL C 61 19.91 -22.85 11.23
CA VAL C 61 20.72 -23.84 10.55
C VAL C 61 21.38 -24.75 11.62
N CYS C 62 21.21 -26.08 11.51
CA CYS C 62 21.79 -27.07 12.45
C CYS C 62 22.51 -28.15 11.66
N CYS C 63 23.82 -28.29 11.89
CA CYS C 63 24.67 -29.25 11.22
C CYS C 63 25.37 -30.16 12.24
N ARG C 64 26.00 -31.23 11.70
CA ARG C 64 26.82 -32.18 12.46
C ARG C 64 27.98 -32.67 11.60
N VAL C 65 29.03 -33.19 12.26
CA VAL C 65 30.18 -33.78 11.59
C VAL C 65 29.81 -35.26 11.46
N ASP C 66 29.91 -35.79 10.23
CA ASP C 66 29.55 -37.15 9.91
C ASP C 66 30.79 -37.93 9.46
N HIS C 67 30.99 -39.12 10.07
CA HIS C 67 32.09 -40.02 9.76
C HIS C 67 31.54 -41.31 9.15
N SER C 68 31.35 -41.27 7.82
CA SER C 68 30.82 -42.38 7.03
C SER C 68 31.53 -42.41 5.68
N GLN C 69 31.49 -43.58 5.00
CA GLN C 69 32.11 -43.82 3.69
C GLN C 69 33.62 -43.48 3.72
N ASN C 70 34.26 -43.67 4.91
CA ASN C 70 35.67 -43.37 5.23
C ASN C 70 36.02 -41.89 4.91
N GLN C 71 35.02 -41.01 5.12
CA GLN C 71 35.10 -39.57 4.85
C GLN C 71 34.68 -38.76 6.05
N LYS C 72 35.18 -37.51 6.11
CA LYS C 72 34.80 -36.51 7.08
C LYS C 72 33.78 -35.64 6.29
N ARG C 73 32.50 -35.77 6.62
CA ARG C 73 31.47 -35.04 5.88
C ARG C 73 30.72 -34.06 6.76
N LEU C 74 30.29 -32.92 6.18
CA LEU C 74 29.46 -31.98 6.91
C LEU C 74 28.00 -32.29 6.55
N TYR C 75 27.20 -32.62 7.56
CA TYR C 75 25.81 -32.96 7.31
C TYR C 75 24.87 -31.86 7.80
N ILE C 76 24.03 -31.30 6.89
CA ILE C 76 23.03 -30.29 7.29
C ILE C 76 21.75 -31.00 7.67
N MET C 77 21.36 -30.89 8.95
CA MET C 77 20.17 -31.55 9.46
C MET C 77 18.93 -30.75 9.17
N THR C 78 18.96 -29.48 9.56
CA THR C 78 17.89 -28.51 9.38
C THR C 78 18.46 -27.20 8.88
N LEU C 79 17.76 -26.57 7.95
CA LEU C 79 18.09 -25.23 7.41
C LEU C 79 16.78 -24.68 6.86
N GLY C 80 16.26 -23.65 7.53
CA GLY C 80 15.00 -23.06 7.12
C GLY C 80 14.64 -21.76 7.78
N CYS C 81 13.70 -21.05 7.16
CA CYS C 81 13.18 -19.83 7.78
C CYS C 81 11.66 -19.72 7.59
N LEU C 82 11.01 -18.96 8.48
CA LEU C 82 9.56 -18.74 8.49
C LEU C 82 9.13 -18.24 7.14
N ALA C 83 7.99 -18.75 6.63
CA ALA C 83 7.49 -18.50 5.27
C ALA C 83 7.37 -17.01 4.86
N PRO C 84 6.85 -16.04 5.66
CA PRO C 84 6.79 -14.65 5.14
C PRO C 84 8.15 -13.96 4.97
N TYR C 85 9.26 -14.58 5.42
CA TYR C 85 10.61 -13.99 5.30
C TYR C 85 11.45 -14.62 4.24
N ARG C 86 10.84 -15.53 3.46
CA ARG C 86 11.51 -16.25 2.39
C ARG C 86 11.81 -15.34 1.23
N ARG C 87 12.89 -15.65 0.48
CA ARG C 87 13.34 -14.92 -0.71
C ARG C 87 13.87 -13.51 -0.37
N LEU C 88 14.51 -13.38 0.78
CA LEU C 88 15.13 -12.13 1.24
C LEU C 88 16.62 -12.38 1.47
N GLY C 89 17.07 -13.61 1.14
CA GLY C 89 18.45 -14.07 1.28
C GLY C 89 18.85 -14.62 2.63
N ILE C 90 17.89 -14.97 3.50
CA ILE C 90 18.15 -15.55 4.82
C ILE C 90 18.78 -16.95 4.68
N GLY C 91 18.26 -17.76 3.75
CA GLY C 91 18.78 -19.08 3.45
C GLY C 91 20.24 -19.00 3.02
N THR C 92 20.53 -18.05 2.12
CA THR C 92 21.84 -17.75 1.58
C THR C 92 22.83 -17.39 2.68
N LYS C 93 22.41 -16.56 3.65
CA LYS C 93 23.28 -16.18 4.76
C LYS C 93 23.67 -17.43 5.60
N MET C 94 22.69 -18.33 5.85
CA MET C 94 22.90 -19.54 6.63
C MET C 94 23.78 -20.55 5.87
N LEU C 95 23.48 -20.79 4.57
CA LEU C 95 24.26 -21.73 3.78
C LEU C 95 25.67 -21.22 3.53
N ASN C 96 25.85 -19.92 3.25
CA ASN C 96 27.18 -19.34 3.04
C ASN C 96 28.04 -19.44 4.29
N HIS C 97 27.42 -19.37 5.47
CA HIS C 97 28.12 -19.53 6.73
C HIS C 97 28.68 -20.94 6.84
N VAL C 98 27.90 -21.98 6.50
CA VAL C 98 28.37 -23.36 6.60
C VAL C 98 29.48 -23.63 5.57
N LEU C 99 29.34 -23.07 4.34
CA LEU C 99 30.36 -23.19 3.29
C LEU C 99 31.67 -22.55 3.76
N ASN C 100 31.57 -21.40 4.46
CA ASN C 100 32.70 -20.64 4.99
C ASN C 100 33.45 -21.36 6.11
N ILE C 101 32.75 -22.21 6.91
CA ILE C 101 33.36 -23.02 7.97
C ILE C 101 34.23 -24.12 7.32
N CYS C 102 33.67 -24.84 6.32
CA CYS C 102 34.32 -25.87 5.53
C CYS C 102 35.53 -25.36 4.77
N GLU C 103 35.42 -24.19 4.12
CA GLU C 103 36.50 -23.54 3.35
C GLU C 103 37.70 -23.24 4.28
N LYS C 104 37.44 -22.63 5.46
CA LYS C 104 38.45 -22.28 6.47
C LYS C 104 39.09 -23.51 7.12
N ASP C 105 38.28 -24.54 7.43
CA ASP C 105 38.72 -25.80 8.04
C ASP C 105 39.64 -26.54 7.05
N GLY C 106 39.07 -26.96 5.92
CA GLY C 106 39.82 -27.60 4.84
C GLY C 106 39.94 -29.11 4.93
N THR C 107 39.46 -29.72 6.03
CA THR C 107 39.54 -31.18 6.21
C THR C 107 38.21 -31.91 5.88
N PHE C 108 37.21 -31.20 5.38
CA PHE C 108 35.94 -31.84 5.02
C PHE C 108 36.03 -32.36 3.59
N ASP C 109 35.48 -33.56 3.36
CA ASP C 109 35.50 -34.16 2.03
C ASP C 109 34.36 -33.57 1.19
N ASN C 110 33.15 -33.55 1.78
CA ASN C 110 31.94 -33.01 1.16
C ASN C 110 30.94 -32.53 2.22
N ILE C 111 29.89 -31.87 1.73
CA ILE C 111 28.74 -31.43 2.50
C ILE C 111 27.48 -32.06 1.89
N TYR C 112 26.62 -32.64 2.73
CA TYR C 112 25.40 -33.29 2.23
C TYR C 112 24.18 -33.11 3.17
N LEU C 113 23.01 -33.52 2.68
CA LEU C 113 21.72 -33.38 3.34
C LEU C 113 20.68 -34.23 2.64
N HIS C 114 19.51 -34.39 3.28
CA HIS C 114 18.29 -35.03 2.75
C HIS C 114 17.22 -33.96 2.50
N VAL C 115 16.43 -34.15 1.45
CA VAL C 115 15.33 -33.26 1.08
C VAL C 115 14.17 -34.18 0.72
N GLN C 116 12.98 -33.94 1.29
CA GLN C 116 11.76 -34.67 0.89
C GLN C 116 11.62 -34.43 -0.64
N ILE C 117 11.40 -35.50 -1.46
CA ILE C 117 11.33 -35.38 -2.94
C ILE C 117 10.35 -34.29 -3.46
N SER C 118 9.29 -33.96 -2.69
CA SER C 118 8.23 -32.98 -3.02
C SER C 118 8.69 -31.52 -2.80
N ASN C 119 9.75 -31.31 -2.01
CA ASN C 119 10.25 -29.97 -1.69
C ASN C 119 11.06 -29.32 -2.85
N GLU C 120 10.36 -28.86 -3.86
CA GLU C 120 10.98 -28.22 -5.04
C GLU C 120 11.74 -26.94 -4.72
N SER C 121 11.29 -26.16 -3.74
CA SER C 121 12.01 -24.93 -3.40
C SER C 121 13.38 -25.23 -2.82
N ALA C 122 13.48 -26.26 -1.95
CA ALA C 122 14.74 -26.68 -1.34
C ALA C 122 15.70 -27.20 -2.41
N ILE C 123 15.18 -27.97 -3.40
CA ILE C 123 15.99 -28.50 -4.53
C ILE C 123 16.63 -27.35 -5.31
N ASP C 124 15.82 -26.36 -5.74
CA ASP C 124 16.23 -25.14 -6.44
C ASP C 124 17.25 -24.37 -5.61
N PHE C 125 16.95 -24.22 -4.31
CA PHE C 125 17.84 -23.49 -3.40
C PHE C 125 19.26 -24.13 -3.42
N TYR C 126 19.36 -25.43 -3.08
CA TYR C 126 20.63 -26.14 -2.99
C TYR C 126 21.36 -26.27 -4.31
N ARG C 127 20.62 -26.57 -5.40
CA ARG C 127 21.21 -26.69 -6.71
C ARG C 127 21.92 -25.41 -7.14
N LYS C 128 21.43 -24.23 -6.68
CA LYS C 128 22.01 -22.93 -6.98
C LYS C 128 23.41 -22.78 -6.40
N PHE C 129 23.69 -23.50 -5.30
CA PHE C 129 24.99 -23.47 -4.62
C PHE C 129 25.90 -24.64 -5.05
N GLY C 130 25.53 -25.31 -6.14
CA GLY C 130 26.31 -26.42 -6.67
C GLY C 130 26.11 -27.75 -6.01
N PHE C 131 25.00 -27.93 -5.27
CA PHE C 131 24.67 -29.23 -4.68
C PHE C 131 24.01 -30.02 -5.83
N GLU C 132 24.20 -31.35 -5.86
CA GLU C 132 23.65 -32.21 -6.89
C GLU C 132 22.91 -33.36 -6.22
N ILE C 133 21.81 -33.84 -6.84
CA ILE C 133 21.07 -35.01 -6.36
C ILE C 133 21.92 -36.22 -6.75
N ILE C 134 22.47 -36.93 -5.77
CA ILE C 134 23.36 -38.09 -5.98
C ILE C 134 22.65 -39.43 -5.76
N GLU C 135 21.46 -39.41 -5.11
CA GLU C 135 20.66 -40.59 -4.79
C GLU C 135 19.24 -40.19 -4.35
N THR C 136 18.29 -41.09 -4.50
CA THR C 136 16.94 -40.94 -3.99
C THR C 136 16.72 -42.14 -3.08
N LYS C 137 16.62 -41.86 -1.77
CA LYS C 137 16.40 -42.87 -0.72
C LYS C 137 14.91 -43.15 -0.58
N LYS C 138 14.52 -44.42 -0.67
CA LYS C 138 13.12 -44.79 -0.57
C LYS C 138 12.66 -44.89 0.88
N ASN C 139 11.43 -44.42 1.16
CA ASN C 139 10.78 -44.43 2.47
C ASN C 139 11.71 -43.96 3.60
N TYR C 140 12.35 -42.78 3.41
CA TYR C 140 13.26 -42.15 4.39
C TYR C 140 12.52 -41.58 5.61
N TYR C 141 11.39 -40.90 5.37
CA TYR C 141 10.51 -40.34 6.41
C TYR C 141 9.41 -41.37 6.65
N LYS C 142 9.28 -41.82 7.90
CA LYS C 142 8.36 -42.92 8.23
C LYS C 142 6.88 -42.56 8.35
N ARG C 143 6.51 -41.44 8.99
CA ARG C 143 5.10 -41.08 9.19
C ARG C 143 4.55 -40.00 8.23
N ILE C 144 5.42 -39.45 7.37
CA ILE C 144 5.00 -38.38 6.45
C ILE C 144 5.08 -38.80 4.98
N GLU C 145 4.21 -38.20 4.16
CA GLU C 145 4.11 -38.45 2.73
C GLU C 145 4.48 -37.17 1.95
N PRO C 146 5.36 -37.23 0.92
CA PRO C 146 6.07 -38.42 0.43
C PRO C 146 7.19 -38.79 1.38
N ALA C 147 7.36 -40.10 1.55
CA ALA C 147 8.33 -40.71 2.44
C ALA C 147 9.76 -40.64 1.86
N ASP C 148 9.87 -40.48 0.54
CA ASP C 148 11.16 -40.49 -0.17
C ASP C 148 11.96 -39.21 0.02
N ALA C 149 13.29 -39.34 -0.01
CA ALA C 149 14.18 -38.19 0.13
C ALA C 149 15.32 -38.23 -0.87
N HIS C 150 15.68 -37.07 -1.43
CA HIS C 150 16.83 -36.96 -2.31
C HIS C 150 18.04 -36.74 -1.43
N VAL C 151 19.19 -37.25 -1.87
CA VAL C 151 20.45 -37.02 -1.20
C VAL C 151 21.14 -36.05 -2.08
N LEU C 152 21.41 -34.86 -1.52
CA LEU C 152 22.06 -33.75 -2.17
C LEU C 152 23.39 -33.56 -1.55
N GLN C 153 24.41 -33.43 -2.39
CA GLN C 153 25.77 -33.29 -1.90
C GLN C 153 26.57 -32.33 -2.75
N LYS C 154 27.46 -31.59 -2.09
CA LYS C 154 28.39 -30.65 -2.70
C LYS C 154 29.79 -31.15 -2.35
N ASN C 155 30.59 -31.49 -3.39
CA ASN C 155 31.97 -31.95 -3.18
C ASN C 155 32.88 -30.77 -2.95
N LEU C 156 33.78 -30.87 -1.96
CA LEU C 156 34.73 -29.82 -1.59
C LEU C 156 36.17 -30.25 -1.86
N1A ACO D . -28.35 20.62 -21.58
C2A ACO D . -29.23 20.68 -20.58
N3A ACO D . -29.02 20.50 -19.27
C4A ACO D . -27.72 20.26 -19.02
C5A ACO D . -26.70 20.19 -19.95
C6A ACO D . -27.05 20.37 -21.30
N6A ACO D . -26.19 20.28 -22.32
N7A ACO D . -25.49 19.93 -19.33
C8A ACO D . -25.80 19.85 -18.06
N9A ACO D . -27.13 20.02 -17.80
C1B ACO D . -27.80 19.84 -16.51
C2B ACO D . -28.70 18.59 -16.45
O2B ACO D . -29.88 18.78 -15.69
C3B ACO D . -27.73 17.59 -15.84
O3B ACO D . -28.38 16.48 -15.21
P3B ACO D . -28.74 15.14 -16.05
O7A ACO D . -29.00 14.04 -15.07
O8A ACO D . -29.99 15.54 -16.91
O9A ACO D . -27.54 14.88 -16.99
C4B ACO D . -26.97 18.42 -14.83
O4B ACO D . -26.82 19.70 -15.50
C5B ACO D . -25.63 17.90 -14.39
O5B ACO D . -24.79 17.65 -15.55
P1A ACO D . -23.37 16.90 -15.50
O1A ACO D . -23.41 15.57 -16.09
O2A ACO D . -22.75 16.87 -14.13
O3A ACO D . -22.56 17.93 -16.41
P2A ACO D . -21.19 18.00 -17.25
O4A ACO D . -20.23 16.97 -16.78
O5A ACO D . -21.56 17.72 -18.68
O6A ACO D . -20.73 19.47 -16.91
CBP ACO D . -20.50 21.66 -18.13
CCP ACO D . -21.42 20.60 -17.50
CDP ACO D . -19.35 21.96 -17.14
CEP ACO D . -21.31 22.94 -18.35
CAP ACO D . -19.93 21.07 -19.44
OAP ACO D . -20.95 21.00 -20.44
C9P ACO D . -18.70 21.71 -20.05
O9P ACO D . -17.59 21.22 -19.84
N8P ACO D . -18.90 22.75 -20.87
C7P ACO D . -17.82 23.49 -21.48
C6P ACO D . -17.18 24.45 -20.51
C5P ACO D . -18.24 25.26 -19.78
O5P ACO D . -19.20 25.73 -20.38
N4P ACO D . -18.05 25.43 -18.47
C3P ACO D . -18.73 26.47 -17.73
C2P ACO D . -18.25 27.84 -18.18
S1P ACO D . -18.37 28.94 -16.78
C ACO D . -16.95 28.45 -15.85
O ACO D . -16.10 27.73 -16.30
CH3 ACO D . -16.84 29.17 -14.54
C19 U3Y E . -11.22 37.20 -20.78
C21 U3Y E . -9.33 35.75 -21.29
C18 U3Y E . -11.08 36.91 -19.41
C22 U3Y E . -9.20 35.44 -19.92
C7 U3Y E . -12.15 38.12 -13.33
C20 U3Y E . -10.33 36.63 -21.71
C17 U3Y E . -10.08 36.03 -19.00
C6 U3Y E . -11.63 37.17 -12.50
C23 U3Y E . -10.49 36.92 -23.15
C5 U3Y E . -11.29 36.10 -14.41
C13 U3Y E . -14.38 30.65 -19.67
C14 U3Y E . -16.79 31.33 -19.60
C16 U3Y E . -9.91 35.71 -17.58
C8 U3Y E . -11.62 37.30 -11.05
C10 U3Y E . -14.78 32.81 -17.41
C12 U3Y E . -14.52 30.44 -18.16
C4 U3Y E . -11.90 33.82 -15.23
C2 U3Y E . -12.18 34.56 -17.46
C1 U3Y E . -10.94 35.00 -15.41
C11 U3Y E . -15.44 31.46 -17.50
C3 U3Y E . -13.01 34.09 -16.25
C15 U3Y E . -15.53 31.52 -21.70
C9 U3Y E . -9.65 38.38 -10.32
N10 U3Y E . -11.40 37.79 -23.65
N2 U3Y E . -11.14 36.03 -13.11
N7 U3Y E . -9.80 36.31 -24.13
N9 U3Y E . -11.26 37.70 -24.99
N8 U3Y E . -10.29 36.82 -25.29
N6 U3Y E . -16.66 31.60 -18.24
N5 U3Y E . -15.54 31.21 -20.27
N1 U3Y E . -11.04 35.29 -16.87
N3 U3Y E . -10.36 37.16 -10.57
N4 U3Y E . -13.80 32.88 -16.45
O4 U3Y E . -13.36 30.32 -20.25
O3 U3Y E . -17.86 31.22 -20.17
O5 U3Y E . -8.78 35.85 -17.14
O1 U3Y E . -12.62 37.51 -10.37
O2 U3Y E . -15.11 33.76 -18.10
S1 U3Y E . -12.00 37.55 -14.94
H21 U3Y E . -12.00 37.87 -21.09
H22 U3Y E . -8.65 35.30 -22.00
H20 U3Y E . -11.76 37.34 -18.68
H23 U3Y E . -8.41 34.77 -19.59
H7 U3Y E . -12.58 39.08 -13.08
H15 U3Y E . -13.53 30.48 -17.72
H14 U3Y E . -14.93 29.44 -18.02
H5 U3Y E . -11.40 32.87 -15.45
H6 U3Y E . -12.31 33.78 -14.21
H3 U3Y E . -12.76 35.23 -18.09
H2 U3Y E . -11.79 33.72 -18.05
H1 U3Y E . -9.91 34.65 -15.21
H13 U3Y E . -15.70 31.14 -16.49
H4 U3Y E . -13.65 34.91 -15.91
H19 U3Y E . -16.16 32.40 -21.87
H17 U3Y E . -15.95 30.67 -22.23
H18 U3Y E . -14.51 31.72 -22.04
H10 U3Y E . -8.63 38.13 -10.00
H11 U3Y E . -10.17 38.95 -9.54
H9 U3Y E . -9.61 38.96 -11.25
H16 U3Y E . -17.51 31.79 -17.73
H8 U3Y E . -9.84 36.33 -10.81
H12 U3Y E . -13.58 32.06 -15.91
N1A ACO F . -1.50 -15.67 2.18
C2A ACO F . -0.66 -15.48 1.16
N3A ACO F . -0.66 -14.49 0.25
C4A ACO F . -1.67 -13.63 0.46
C5A ACO F . -2.61 -13.70 1.49
C6A ACO F . -2.50 -14.79 2.38
N6A ACO F . -3.38 -15.02 3.37
N7A ACO F . -3.52 -12.67 1.38
C8A ACO F . -3.14 -12.02 0.31
N9A ACO F . -2.03 -12.55 -0.30
C1B ACO F . -1.42 -12.10 -1.55
C2B ACO F . -1.64 -13.07 -2.72
O2B ACO F . -0.56 -13.07 -3.65
C3B ACO F . -2.93 -12.47 -3.30
O3B ACO F . -3.24 -12.89 -4.64
P3B ACO F . -4.12 -14.21 -4.95
O7A ACO F . -4.20 -14.34 -6.43
O8A ACO F . -3.38 -15.35 -4.27
O9A ACO F . -5.46 -14.05 -4.25
C4B ACO F . -2.67 -10.98 -3.20
O4B ACO F . -1.99 -10.86 -1.92
C5B ACO F . -3.89 -10.11 -3.23
O5B ACO F . -4.90 -10.62 -2.32
P1A ACO F . -6.30 -9.92 -2.09
O1A ACO F . -7.50 -10.73 -2.33
O2A ACO F . -6.41 -8.70 -2.95
O3A ACO F . -6.26 -9.48 -0.57
P2A ACO F . -7.34 -9.43 0.60
O4A ACO F . -8.62 -8.88 0.14
O5A ACO F . -7.49 -10.81 1.18
O6A ACO F . -6.68 -8.45 1.64
CBP ACO F . -5.36 -8.22 3.63
CCP ACO F . -5.39 -8.74 2.19
CDP ACO F . -5.74 -6.73 3.63
CEP ACO F . -3.95 -8.37 4.20
CAP ACO F . -6.39 -9.09 4.42
OAP ACO F . -5.85 -10.37 4.72
C9P ACO F . -6.95 -8.48 5.70
O9P ACO F . -7.96 -7.78 5.66
N8P ACO F . -6.30 -8.76 6.83
C7P ACO F . -6.67 -8.24 8.14
C6P ACO F . -6.24 -6.80 8.31
C5P ACO F . -4.79 -6.62 7.96
O5P ACO F . -3.96 -7.48 8.25
N4P ACO F . -4.48 -5.53 7.26
C3P ACO F . -3.11 -5.16 6.91
C2P ACO F . -2.36 -4.70 8.15
S1P ACO F . -1.40 -3.21 7.80
C ACO F . -2.68 -2.02 7.61
O ACO F . -3.83 -2.25 7.87
CH3 ACO F . -2.16 -0.66 7.24
C19 U3Y G . -1.39 1.35 18.63
C21 U3Y G . -3.76 1.67 19.02
C18 U3Y G . -1.43 2.26 17.56
C22 U3Y G . -3.84 2.56 17.94
C7 U3Y G . 1.49 5.98 14.47
C20 U3Y G . -2.54 1.07 19.37
C17 U3Y G . -2.67 2.85 17.22
C6 U3Y G . 1.08 6.25 13.20
C23 U3Y G . -2.49 0.10 20.49
C5 U3Y G . -0.71 5.15 13.85
C13 U3Y G . -3.62 -2.23 12.69
C14 U3Y G . -1.44 -3.28 12.03
C16 U3Y G . -2.78 3.79 16.13
C8 U3Y G . 1.86 6.97 12.22
C10 U3Y G . -1.43 -0.02 12.18
C12 U3Y G . -3.44 -1.37 11.44
C4 U3Y G . -2.29 3.61 12.56
C2 U3Y G . -1.84 2.13 14.39
C1 U3Y G . -2.07 4.47 13.82
C11 U3Y G . -2.00 -1.00 11.18
C3 U3Y G . -1.53 2.33 12.91
C15 U3Y G . -2.63 -4.08 14.01
C9 U3Y G . 1.64 9.03 10.86
N10 U3Y G . -1.35 -0.49 20.93
N2 U3Y G . -0.18 5.79 12.85
N7 U3Y G . -3.59 -0.36 21.13
N9 U3Y G . -1.77 -1.39 21.87
N8 U3Y G . -3.11 -1.30 22.00
N6 U3Y G . -1.14 -2.15 11.28
N5 U3Y G . -2.55 -3.13 12.91
N1 U3Y G . -2.22 3.45 14.90
N3 U3Y G . 1.09 7.86 11.50
N4 U3Y G . -1.94 1.24 12.03
O4 U3Y G . -4.60 -2.13 13.41
O3 U3Y G . -0.81 -4.32 11.92
O5 U3Y G . -3.35 4.85 16.36
O1 U3Y G . 3.07 6.74 12.08
O2 U3Y G . -0.60 -0.34 13.01
S1 U3Y G . 0.24 5.10 15.27
H21 U3Y G . -0.44 0.90 18.88
H22 U3Y G . -4.66 1.45 19.58
H20 U3Y G . -0.55 2.49 17.00
H23 U3Y G . -4.78 3.03 17.68
H7 U3Y G . 2.42 6.25 14.96
H15 U3Y G . -4.06 -0.48 11.51
H14 U3Y G . -3.80 -1.97 10.59
H5 U3Y G . -3.35 3.42 12.42
H6 U3Y G . -1.89 4.09 11.67
H3 U3Y G . -0.95 1.78 14.91
H2 U3Y G . -2.66 1.42 14.56
H1 U3Y G . -2.85 5.22 13.89
H13 U3Y G . -1.88 -0.57 10.19
H4 U3Y G . -0.46 2.48 12.78
H19 U3Y G . -1.62 -4.23 14.43
H17 U3Y G . -3.00 -5.04 13.61
H18 U3Y G . -3.29 -3.70 14.78
H10 U3Y G . 1.05 9.24 9.97
H11 U3Y G . 2.68 8.83 10.56
H9 U3Y G . 1.61 9.87 11.55
H16 U3Y G . -0.41 -2.24 10.58
H8 U3Y G . 0.09 7.70 11.41
H12 U3Y G . -2.65 1.42 11.34
N1A ACO H . 11.83 -21.37 -5.92
C2A ACO H . 12.86 -21.22 -6.74
N3A ACO H . 14.13 -20.87 -6.43
C4A ACO H . 14.26 -20.64 -5.12
C5A ACO H . 13.27 -20.72 -4.16
C6A ACO H . 11.98 -21.11 -4.60
N6A ACO H . 10.91 -21.17 -3.81
N7A ACO H . 13.76 -20.36 -2.92
C8A ACO H . 15.02 -20.09 -3.14
N9A ACO H . 15.40 -20.23 -4.46
C1B ACO H . 16.69 -19.95 -5.06
C2B ACO H . 16.71 -18.64 -5.86
O2B ACO H . 17.61 -18.68 -6.96
C3B ACO H . 17.14 -17.66 -4.77
O3B ACO H . 17.69 -16.45 -5.30
P3B ACO H . 16.74 -15.25 -5.76
O7A ACO H . 17.65 -14.07 -6.04
O8A ACO H . 15.94 -15.76 -6.98
O9A ACO H . 15.70 -15.03 -4.62
C4B ACO H . 18.19 -18.47 -4.01
O4B ACO H . 17.67 -19.81 -4.04
C5B ACO H . 18.44 -18.03 -2.58
O5B ACO H . 17.18 -17.95 -1.87
P1A ACO H . 17.10 -17.28 -0.43
O1A ACO H . 16.38 -15.98 -0.34
O2A ACO H . 18.47 -17.21 0.21
O3A ACO H . 16.31 -18.41 0.35
P2A ACO H . 15.25 -18.49 1.54
O4A ACO H . 15.62 -17.56 2.63
O5A ACO H . 13.86 -18.31 1.02
O6A ACO H . 15.44 -20.00 2.10
CBP ACO H . 14.75 -22.32 2.01
CCP ACO H . 15.38 -21.15 1.24
CDP ACO H . 15.65 -22.61 3.22
CEP ACO H . 14.71 -23.56 1.10
CAP ACO H . 13.32 -21.90 2.44
OAP ACO H . 12.45 -21.98 1.32
C9P ACO H . 12.69 -22.65 3.60
O9P ACO H . 13.00 -22.34 4.75
N8P ACO H . 11.86 -23.65 3.29
C7P ACO H . 11.19 -24.48 4.30
C6P ACO H . 12.18 -25.31 5.09
C5P ACO H . 12.90 -26.29 4.20
O5P ACO H . 12.26 -27.02 3.43
N4P ACO H . 14.22 -26.29 4.27
C3P ACO H . 15.06 -27.19 3.49
C2P ACO H . 14.89 -28.63 3.93
S1P ACO H . 16.47 -29.49 3.73
C ACO H . 17.34 -29.13 5.22
O ACO H . 16.85 -28.51 6.13
CH3 ACO H . 18.70 -29.75 5.26
C19 U3Y I . 12.73 -38.65 10.02
C21 U3Y I . 12.04 -37.42 12.01
C18 U3Y I . 14.05 -38.24 10.22
C22 U3Y I . 13.36 -37.00 12.20
C7 U3Y I . 19.80 -39.15 9.28
C20 U3Y I . 11.72 -38.25 10.91
C17 U3Y I . 14.35 -37.40 11.31
C6 U3Y I . 20.73 -38.19 9.60
C23 U3Y I . 10.31 -38.66 10.69
C5 U3Y I . 18.92 -37.14 10.29
C13 U3Y I . 13.43 -31.91 7.38
C14 U3Y I . 13.79 -32.58 4.99
C16 U3Y I . 15.72 -36.97 11.57
C8 U3Y I . 22.13 -38.44 9.30
C10 U3Y I . 16.05 -33.74 7.05
C12 U3Y I . 14.89 -31.47 7.38
C4 U3Y I . 18.06 -34.76 10.06
C2 U3Y I . 16.01 -35.79 9.37
C1 U3Y I . 17.93 -36.10 10.81
C11 U3Y I . 15.79 -32.34 6.50
C3 U3Y I . 17.20 -34.99 8.81
C15 U3Y I . 11.60 -32.90 6.03
C9 U3Y I . 24.41 -37.78 9.80
N10 U3Y I . 9.92 -39.49 9.71
N2 U3Y I . 20.23 -37.03 10.17
N7 U3Y I . 9.26 -38.19 11.41
N9 U3Y I . 8.56 -39.54 9.82
N8 U3Y I . 8.16 -38.76 10.86
N6 U3Y I . 15.17 -32.51 5.21
N5 U3Y I . 12.99 -32.51 6.17
N1 U3Y I . 16.51 -36.50 10.55
N3 U3Y I . 23.00 -37.72 10.10
N4 U3Y I . 16.81 -33.74 8.20
O4 U3Y I . 12.71 -31.71 8.35
O3 U3Y I . 13.33 -32.71 3.86
O5 U3Y I . 16.11 -37.07 12.72
O1 U3Y I . 22.47 -39.22 8.42
O2 U3Y I . 15.64 -34.79 6.55
S1 U3Y I . 18.23 -38.60 9.74
H21 U3Y I . 12.50 -39.28 9.17
H22 U3Y I . 11.27 -37.10 12.70
H20 U3Y I . 14.84 -38.55 9.54
H23 U3Y I . 13.61 -36.36 13.05
H7 U3Y I . 19.96 -40.14 8.85
H15 U3Y I . 15.26 -31.46 8.41
H14 U3Y I . 14.93 -30.44 7.02
H5 U3Y I . 17.67 -33.93 10.66
H6 U3Y I . 19.09 -34.56 9.79
H3 U3Y I . 15.66 -36.53 8.63
H2 U3Y I . 15.19 -35.14 9.67
H1 U3Y I . 18.12 -35.93 11.88
H13 U3Y I . 16.76 -31.85 6.34
H4 U3Y I . 17.75 -35.60 8.08
H19 U3Y I . 11.53 -33.76 5.36
H17 U3Y I . 11.05 -32.05 5.60
H18 U3Y I . 11.18 -33.15 7.00
H10 U3Y I . 24.89 -36.85 10.12
H11 U3Y I . 24.57 -37.89 8.72
H9 U3Y I . 24.85 -38.63 10.33
H16 U3Y I . 15.77 -32.45 4.40
H8 U3Y I . 22.68 -37.28 10.96
H12 U3Y I . 17.12 -32.86 8.59
#